data_5YJG
#
_entry.id   5YJG
#
_cell.length_a   105.605
_cell.length_b   105.605
_cell.length_c   331.225
_cell.angle_alpha   90.00
_cell.angle_beta   90.00
_cell.angle_gamma   120.00
#
_symmetry.space_group_name_H-M   'P 61 2 2'
#
loop_
_entity.id
_entity.type
_entity.pdbx_description
1 polymer Periostin
2 non-polymer 'SODIUM ION'
3 non-polymer CYSTEINE
4 non-polymer 'CHLORIDE ION'
5 non-polymer 'CALCIUM ION'
6 non-polymer 'MAGNESIUM ION'
7 non-polymer 'ZINC ION'
8 water water
#
_entity_poly.entity_id   1
_entity_poly.type   'polypeptide(L)'
_entity_poly.pdbx_seq_one_letter_code
;APGDPRENSNNHYDKILAHSRIRGRDQGPNVCALQQILGTKKKYFSTCKNWYKKSICGQKTTVLYECCPGYMRMEGMKGC
PAVLPIDHVYGTLGIVGATTTQRYSDASKLREEIEGKGSFTYFAPSNEAWDNLDSDIRRGLESNVNVELLNALHSHMINK
RMLTKDLKNGMIIPSMYNNLGLFINHYPNGVVTVNCARIIHGNQIATNGVVHVIDRVLTQIGTSIQDFIEAEDDLSSFRA
AAITSDILEALGRDGHFTLFAPTNEAFEKLPRGVLERIMGDKVASEALMKYHILNTLQCSESIMGGAVFETLEGNTIEIG
CDGDSITVNGIKMVNKKDIVTNNGVIHLIDQVLIPDSAKQVIELAGKQQTTFTDLVAQLGLASALRPDGEYTLLAPVNNA
FSDDTLSMDQRLLKLILQNHILKVKVGLNELYNGQILETIGGKQLRVFVYRTAVCIENSCMEKGSKQGRNGAIHIFREII
KPAEKSLHEKLKQDKRFSTFLSLLEAADLKELLTQPGDWTLFVPTNDAFKGMTSEEKEILIRDKNALQNIILYHLTPGVF
IGKGFEPGVTNILKTTQGSKIFLKEVNDTLLVNELKSKESDIMTTNGVIHVVDKLLYPAAAHHHHHHH
;
_entity_poly.pdbx_strand_id   A
#
loop_
_chem_comp.id
_chem_comp.type
_chem_comp.name
_chem_comp.formula
CA non-polymer 'CALCIUM ION' 'Ca 2'
CL non-polymer 'CHLORIDE ION' 'Cl -1'
MG non-polymer 'MAGNESIUM ION' 'Mg 2'
NA non-polymer 'SODIUM ION' 'Na 1'
ZN non-polymer 'ZINC ION' 'Zn 2'
#
# COMPACT_ATOMS: atom_id res chain seq x y z
N ASP A 26 16.47 -31.11 22.69
CA ASP A 26 16.75 -30.46 21.40
C ASP A 26 16.22 -31.33 20.26
N GLN A 27 17.03 -32.28 19.83
CA GLN A 27 16.70 -33.16 18.72
C GLN A 27 16.13 -34.48 19.23
N GLY A 28 15.19 -35.03 18.46
CA GLY A 28 14.60 -36.30 18.77
C GLY A 28 13.11 -36.34 18.49
N PRO A 29 12.51 -37.51 18.63
CA PRO A 29 11.06 -37.64 18.38
C PRO A 29 10.24 -37.09 19.54
N ASN A 30 9.07 -36.55 19.18
CA ASN A 30 8.09 -36.08 20.16
C ASN A 30 8.67 -34.96 21.03
N VAL A 31 9.48 -34.10 20.42
CA VAL A 31 10.01 -32.92 21.10
C VAL A 31 9.16 -31.73 20.70
N CYS A 32 8.80 -30.92 21.69
CA CYS A 32 7.98 -29.73 21.50
C CYS A 32 8.77 -28.48 21.84
N ALA A 33 8.55 -27.43 21.05
CA ALA A 33 9.21 -26.15 21.19
C ALA A 33 8.17 -25.08 21.56
N LEU A 34 8.45 -24.37 22.65
CA LEU A 34 7.64 -23.25 23.10
C LEU A 34 8.41 -21.97 22.83
N GLN A 35 8.00 -21.22 21.82
CA GLN A 35 8.65 -19.98 21.43
C GLN A 35 7.96 -18.78 22.07
N GLN A 36 8.73 -17.72 22.26
CA GLN A 36 8.22 -16.47 22.79
C GLN A 36 8.88 -15.34 22.03
N ILE A 37 8.06 -14.47 21.43
CA ILE A 37 8.59 -13.36 20.65
C ILE A 37 9.36 -12.43 21.57
N LEU A 38 10.62 -12.14 21.20
CA LEU A 38 11.48 -11.33 22.04
C LEU A 38 10.85 -9.96 22.29
N GLY A 39 10.78 -9.57 23.56
CA GLY A 39 10.19 -8.31 23.95
C GLY A 39 8.70 -8.34 24.21
N THR A 40 8.06 -9.51 24.09
CA THR A 40 6.62 -9.64 24.27
C THR A 40 6.32 -10.81 25.21
N LYS A 41 5.03 -11.07 25.39
CA LYS A 41 4.55 -12.24 26.12
C LYS A 41 3.87 -13.25 25.22
N LYS A 42 3.89 -13.03 23.91
CA LYS A 42 3.22 -13.91 22.97
C LYS A 42 4.01 -15.21 22.82
N LYS A 43 3.36 -16.33 23.12
CA LYS A 43 4.00 -17.65 23.06
C LYS A 43 3.32 -18.50 22.00
N TYR A 44 4.13 -19.27 21.28
CA TYR A 44 3.66 -20.17 20.24
C TYR A 44 4.23 -21.55 20.50
N PHE A 45 3.34 -22.52 20.69
CA PHE A 45 3.72 -23.88 21.07
C PHE A 45 3.53 -24.79 19.86
N SER A 46 4.60 -25.46 19.43
CA SER A 46 4.52 -26.32 18.27
C SER A 46 5.35 -27.58 18.50
N THR A 47 5.07 -28.61 17.71
CA THR A 47 5.92 -29.78 17.67
C THR A 47 7.07 -29.54 16.71
N CYS A 48 8.05 -30.43 16.74
CA CYS A 48 9.32 -30.27 16.02
C CYS A 48 9.28 -30.82 14.60
N LYS A 49 8.09 -31.09 14.08
CA LYS A 49 7.91 -31.71 12.76
C LYS A 49 8.44 -30.93 11.58
N ASN A 50 8.22 -29.64 11.55
CA ASN A 50 8.72 -28.80 10.46
C ASN A 50 9.39 -27.60 11.09
N TRP A 51 10.35 -26.97 10.43
CA TRP A 51 10.96 -25.82 11.08
C TRP A 51 10.05 -24.61 11.09
N TYR A 52 9.73 -24.25 12.32
CA TYR A 52 8.87 -23.18 12.79
C TYR A 52 9.70 -21.97 13.15
N LYS A 53 11.01 -22.03 12.94
CA LYS A 53 11.83 -20.93 13.41
C LYS A 53 12.11 -19.81 12.45
N LYS A 54 11.43 -18.71 12.71
CA LYS A 54 11.61 -17.49 11.94
C LYS A 54 11.10 -16.33 12.75
N SER A 55 11.50 -15.12 12.41
CA SER A 55 11.02 -13.95 13.12
C SER A 55 9.51 -13.83 12.95
N ILE A 56 8.84 -13.47 14.05
CA ILE A 56 7.41 -13.19 14.06
C ILE A 56 7.21 -11.76 14.49
N CYS A 57 6.42 -11.00 13.72
CA CYS A 57 6.16 -9.59 14.00
C CYS A 57 7.46 -8.80 14.08
N GLY A 58 8.39 -9.11 13.18
CA GLY A 58 9.65 -8.38 13.09
C GLY A 58 10.67 -8.70 14.17
N GLN A 59 10.35 -9.59 15.10
CA GLN A 59 11.24 -9.89 16.21
C GLN A 59 11.61 -11.37 16.21
N LYS A 60 12.82 -11.64 16.69
CA LYS A 60 13.25 -13.01 16.92
C LYS A 60 12.54 -13.58 18.14
N THR A 61 12.69 -14.88 18.35
CA THR A 61 12.03 -15.58 19.46
C THR A 61 13.04 -16.35 20.28
N THR A 62 12.70 -16.56 21.54
CA THR A 62 13.41 -17.52 22.38
C THR A 62 12.61 -18.82 22.41
N VAL A 63 13.32 -19.94 22.51
CA VAL A 63 12.71 -21.25 22.36
C VAL A 63 13.00 -22.10 23.59
N LEU A 64 12.00 -22.85 24.03
CA LEU A 64 12.10 -23.75 25.17
C LEU A 64 11.75 -25.15 24.69
N TYR A 65 12.73 -26.05 24.66
CA TYR A 65 12.53 -27.41 24.19
C TYR A 65 12.21 -28.34 25.35
N GLU A 66 11.15 -29.13 25.20
CA GLU A 66 10.81 -30.13 26.20
C GLU A 66 9.91 -31.17 25.54
N CYS A 67 9.86 -32.36 26.14
CA CYS A 67 8.96 -33.39 25.66
C CYS A 67 7.55 -32.84 25.53
N CYS A 68 6.90 -33.17 24.41
CA CYS A 68 5.51 -32.81 24.27
C CYS A 68 4.70 -33.42 25.41
N PRO A 69 3.69 -32.71 25.93
CA PRO A 69 2.97 -33.20 27.12
C PRO A 69 2.45 -34.62 26.96
N GLY A 70 2.86 -35.49 27.88
CA GLY A 70 2.50 -36.90 27.85
C GLY A 70 3.63 -37.82 27.45
N TYR A 71 4.64 -37.30 26.76
CA TYR A 71 5.76 -38.09 26.29
C TYR A 71 6.93 -37.99 27.27
N MET A 72 7.77 -39.02 27.25
CA MET A 72 8.84 -39.18 28.24
C MET A 72 10.12 -39.58 27.54
N ARG A 73 11.24 -39.37 28.22
CA ARG A 73 12.55 -39.78 27.73
C ARG A 73 12.90 -41.15 28.28
N MET A 74 13.80 -41.84 27.57
CA MET A 74 14.31 -43.13 27.98
C MET A 74 15.83 -43.09 28.03
N GLU A 75 16.40 -44.01 28.79
CA GLU A 75 17.85 -44.03 29.00
C GLU A 75 18.57 -44.34 27.69
N GLY A 76 19.59 -43.54 27.38
CA GLY A 76 20.38 -43.75 26.18
C GLY A 76 19.68 -43.47 24.87
N MET A 77 18.48 -42.90 24.91
CA MET A 77 17.71 -42.62 23.70
C MET A 77 17.66 -41.12 23.45
N LYS A 78 17.46 -40.77 22.18
CA LYS A 78 17.34 -39.37 21.77
C LYS A 78 15.87 -38.96 21.78
N GLY A 79 15.61 -37.73 22.20
CA GLY A 79 14.26 -37.22 22.20
C GLY A 79 13.40 -37.85 23.28
N CYS A 80 12.12 -38.01 22.97
CA CYS A 80 11.13 -38.57 23.89
C CYS A 80 10.41 -39.72 23.20
N PRO A 81 11.01 -40.91 23.18
CA PRO A 81 10.39 -42.05 22.51
C PRO A 81 9.37 -42.80 23.35
N ALA A 82 9.17 -42.41 24.60
CA ALA A 82 8.18 -43.03 25.48
C ALA A 82 6.98 -42.10 25.64
N VAL A 83 5.84 -42.69 26.01
CA VAL A 83 4.61 -41.94 26.18
C VAL A 83 3.83 -42.49 27.36
N LEU A 84 3.07 -41.62 28.01
CA LEU A 84 2.14 -41.93 29.07
C LEU A 84 0.74 -42.11 28.51
N PRO A 85 -0.13 -42.84 29.20
CA PRO A 85 -1.52 -42.97 28.74
C PRO A 85 -2.26 -41.65 28.91
N ILE A 86 -3.31 -41.49 28.09
CA ILE A 86 -4.12 -40.28 28.18
C ILE A 86 -4.97 -40.32 29.45
N ASP A 87 -5.45 -39.15 29.85
CA ASP A 87 -6.28 -38.98 31.03
C ASP A 87 -7.60 -38.35 30.61
N HIS A 88 -8.52 -38.19 31.57
CA HIS A 88 -9.74 -37.47 31.29
C HIS A 88 -9.45 -35.98 31.14
N VAL A 89 -10.47 -35.23 30.74
CA VAL A 89 -10.29 -33.81 30.44
C VAL A 89 -9.75 -33.06 31.65
N TYR A 90 -10.29 -33.35 32.84
CA TYR A 90 -9.86 -32.65 34.04
C TYR A 90 -8.37 -32.87 34.30
N GLY A 91 -7.92 -34.12 34.24
CA GLY A 91 -6.50 -34.38 34.40
C GLY A 91 -5.66 -33.80 33.28
N THR A 92 -6.22 -33.74 32.07
CA THR A 92 -5.50 -33.14 30.95
C THR A 92 -5.30 -31.65 31.17
N LEU A 93 -6.21 -30.99 31.90
CA LEU A 93 -5.96 -29.61 32.31
C LEU A 93 -4.64 -29.48 33.04
N GLY A 94 -4.34 -30.43 33.94
CA GLY A 94 -3.07 -30.42 34.64
C GLY A 94 -1.91 -30.87 33.78
N ILE A 95 -2.15 -31.78 32.83
CA ILE A 95 -1.08 -32.24 31.95
C ILE A 95 -0.56 -31.09 31.08
N VAL A 96 -1.43 -30.14 30.73
CA VAL A 96 -1.07 -29.05 29.85
C VAL A 96 -0.63 -27.80 30.59
N GLY A 97 -0.68 -27.82 31.92
CA GLY A 97 -0.24 -26.67 32.72
C GLY A 97 -1.33 -25.68 33.07
N ALA A 98 -2.58 -25.93 32.68
CA ALA A 98 -3.69 -25.04 33.01
C ALA A 98 -4.22 -25.33 34.41
N THR A 99 -3.33 -25.16 35.40
CA THR A 99 -3.66 -25.52 36.77
C THR A 99 -4.71 -24.60 37.38
N THR A 100 -4.74 -23.33 36.97
CA THR A 100 -5.76 -22.42 37.47
C THR A 100 -7.14 -22.78 36.93
N THR A 101 -7.22 -23.06 35.62
CA THR A 101 -8.46 -23.58 35.05
C THR A 101 -8.87 -24.88 35.75
N GLN A 102 -7.89 -25.70 36.12
CA GLN A 102 -8.19 -26.93 36.84
C GLN A 102 -8.81 -26.64 38.20
N ARG A 103 -8.21 -25.71 38.96
CA ARG A 103 -8.74 -25.36 40.27
C ARG A 103 -10.15 -24.80 40.16
N TYR A 104 -10.37 -23.89 39.20
CA TYR A 104 -11.71 -23.34 39.03
C TYR A 104 -12.71 -24.41 38.62
N SER A 105 -12.26 -25.39 37.82
CA SER A 105 -13.13 -26.51 37.48
C SER A 105 -13.49 -27.33 38.70
N ASP A 106 -12.54 -27.50 39.63
CA ASP A 106 -12.83 -28.23 40.86
C ASP A 106 -13.80 -27.46 41.75
N ALA A 107 -13.56 -26.15 41.92
CA ALA A 107 -14.36 -25.36 42.85
C ALA A 107 -15.80 -25.21 42.38
N SER A 108 -16.02 -25.25 41.07
CA SER A 108 -17.38 -25.15 40.52
C SER A 108 -18.04 -26.51 40.34
N LYS A 109 -17.37 -27.59 40.72
CA LYS A 109 -17.86 -28.96 40.57
C LYS A 109 -18.06 -29.34 39.10
N LEU A 110 -17.45 -28.58 38.17
CA LEU A 110 -17.36 -29.02 36.79
C LEU A 110 -16.45 -30.24 36.65
N ARG A 111 -15.55 -30.43 37.62
CA ARG A 111 -14.56 -31.51 37.56
C ARG A 111 -15.23 -32.87 37.39
N GLU A 112 -16.28 -33.15 38.16
CA GLU A 112 -16.90 -34.47 38.10
C GLU A 112 -17.62 -34.69 36.78
N GLU A 113 -18.04 -33.62 36.10
CA GLU A 113 -18.62 -33.77 34.77
C GLU A 113 -17.56 -34.05 33.71
N ILE A 114 -16.41 -33.38 33.78
CA ILE A 114 -15.37 -33.53 32.77
C ILE A 114 -14.46 -34.70 33.15
N GLU A 115 -14.81 -35.42 34.20
CA GLU A 115 -14.17 -36.68 34.53
C GLU A 115 -15.01 -37.89 34.16
N GLY A 116 -16.28 -37.68 33.77
CA GLY A 116 -17.20 -38.76 33.52
C GLY A 116 -17.51 -38.95 32.04
N LYS A 117 -18.64 -39.58 31.78
CA LYS A 117 -18.99 -39.96 30.41
C LYS A 117 -19.33 -38.73 29.58
N GLY A 118 -19.19 -38.89 28.27
CA GLY A 118 -19.36 -37.80 27.33
C GLY A 118 -18.05 -37.47 26.63
N SER A 119 -18.13 -36.47 25.75
CA SER A 119 -16.97 -36.03 24.98
C SER A 119 -17.00 -34.50 24.97
N PHE A 120 -15.93 -33.88 25.46
CA PHE A 120 -15.91 -32.44 25.68
C PHE A 120 -14.71 -31.80 25.01
N THR A 121 -14.91 -30.61 24.46
CA THR A 121 -13.82 -29.74 24.05
C THR A 121 -13.67 -28.64 25.10
N TYR A 122 -12.48 -28.50 25.67
CA TYR A 122 -12.24 -27.50 26.70
C TYR A 122 -11.23 -26.49 26.18
N PHE A 123 -11.69 -25.26 25.97
CA PHE A 123 -10.82 -24.12 25.67
C PHE A 123 -10.36 -23.57 27.01
N ALA A 124 -9.27 -24.13 27.54
CA ALA A 124 -8.79 -23.78 28.86
C ALA A 124 -7.91 -22.54 28.79
N PRO A 125 -8.27 -21.45 29.46
CA PRO A 125 -7.35 -20.31 29.56
C PRO A 125 -6.10 -20.70 30.33
N SER A 126 -4.96 -20.19 29.89
CA SER A 126 -3.71 -20.44 30.59
C SER A 126 -3.73 -19.76 31.96
N ASN A 127 -2.74 -20.09 32.78
CA ASN A 127 -2.57 -19.40 34.06
C ASN A 127 -2.36 -17.90 33.85
N GLU A 128 -1.54 -17.55 32.86
CA GLU A 128 -1.33 -16.14 32.54
C GLU A 128 -2.63 -15.48 32.08
N ALA A 129 -3.49 -16.24 31.39
CA ALA A 129 -4.77 -15.70 30.97
C ALA A 129 -5.64 -15.33 32.16
N TRP A 130 -5.63 -16.17 33.20
CA TRP A 130 -6.37 -15.84 34.41
C TRP A 130 -5.73 -14.69 35.18
N ASP A 131 -4.39 -14.60 35.15
CA ASP A 131 -3.73 -13.47 35.78
C ASP A 131 -4.06 -12.16 35.08
N ASN A 132 -4.28 -12.20 33.76
CA ASN A 132 -4.62 -10.99 33.01
C ASN A 132 -6.07 -10.57 33.20
N LEU A 133 -6.93 -11.45 33.71
CA LEU A 133 -8.32 -11.09 33.93
C LEU A 133 -8.43 -10.01 35.01
N ASP A 134 -9.43 -9.15 34.86
CA ASP A 134 -9.66 -8.09 35.84
C ASP A 134 -9.93 -8.70 37.21
N SER A 135 -9.30 -8.12 38.24
CA SER A 135 -9.36 -8.71 39.58
C SER A 135 -10.77 -8.71 40.13
N ASP A 136 -11.57 -7.69 39.80
CA ASP A 136 -12.94 -7.63 40.31
C ASP A 136 -13.80 -8.71 39.68
N ILE A 137 -13.61 -8.99 38.39
CA ILE A 137 -14.35 -10.07 37.74
C ILE A 137 -13.92 -11.43 38.30
N ARG A 138 -12.61 -11.61 38.51
CA ARG A 138 -12.11 -12.86 39.05
C ARG A 138 -12.64 -13.11 40.45
N ARG A 139 -12.59 -12.10 41.31
CA ARG A 139 -13.15 -12.24 42.66
C ARG A 139 -14.66 -12.42 42.62
N GLY A 140 -15.34 -11.83 41.64
CA GLY A 140 -16.76 -12.09 41.47
C GLY A 140 -17.05 -13.53 41.09
N LEU A 141 -16.16 -14.14 40.31
CA LEU A 141 -16.33 -15.55 39.97
C LEU A 141 -16.04 -16.44 41.18
N GLU A 142 -14.99 -16.13 41.93
CA GLU A 142 -14.65 -16.94 43.11
C GLU A 142 -15.72 -16.85 44.19
N SER A 143 -16.59 -15.85 44.13
CA SER A 143 -17.63 -15.66 45.14
C SER A 143 -18.97 -16.27 44.72
N ASN A 144 -19.04 -16.91 43.57
CA ASN A 144 -20.27 -17.52 43.07
C ASN A 144 -19.89 -18.75 42.24
N VAL A 145 -19.29 -19.74 42.89
CA VAL A 145 -18.76 -20.89 42.17
C VAL A 145 -19.86 -21.80 41.66
N ASN A 146 -21.03 -21.81 42.33
CA ASN A 146 -22.07 -22.76 41.97
C ASN A 146 -22.67 -22.46 40.60
N VAL A 147 -22.84 -21.18 40.27
CA VAL A 147 -23.56 -20.81 39.06
C VAL A 147 -22.67 -20.04 38.10
N GLU A 148 -22.22 -18.86 38.51
CA GLU A 148 -21.56 -17.94 37.58
C GLU A 148 -20.23 -18.49 37.09
N LEU A 149 -19.39 -18.98 38.01
CA LEU A 149 -18.13 -19.59 37.60
C LEU A 149 -18.37 -20.82 36.73
N LEU A 150 -19.32 -21.67 37.12
CA LEU A 150 -19.65 -22.84 36.32
C LEU A 150 -20.17 -22.43 34.95
N ASN A 151 -20.95 -21.34 34.88
CA ASN A 151 -21.47 -20.89 33.60
C ASN A 151 -20.37 -20.32 32.71
N ALA A 152 -19.34 -19.71 33.31
CA ALA A 152 -18.23 -19.19 32.51
C ALA A 152 -17.38 -20.34 31.96
N LEU A 153 -17.02 -21.29 32.83
CA LEU A 153 -16.26 -22.44 32.37
C LEU A 153 -17.03 -23.23 31.32
N HIS A 154 -18.34 -23.39 31.52
CA HIS A 154 -19.18 -23.97 30.49
C HIS A 154 -19.18 -23.13 29.22
N SER A 155 -19.08 -21.81 29.36
CA SER A 155 -18.95 -20.96 28.18
C SER A 155 -17.65 -21.25 27.45
N HIS A 156 -16.65 -21.76 28.14
CA HIS A 156 -15.39 -22.15 27.49
C HIS A 156 -15.44 -23.56 26.88
N MET A 157 -16.58 -24.22 26.83
CA MET A 157 -16.63 -25.64 26.49
C MET A 157 -17.64 -25.93 25.38
N ILE A 158 -17.37 -27.01 24.65
CA ILE A 158 -18.29 -27.59 23.67
C ILE A 158 -18.60 -29.00 24.12
N ASN A 159 -19.85 -29.43 23.94
CA ASN A 159 -20.27 -30.76 24.38
C ASN A 159 -19.88 -31.87 23.39
N LYS A 160 -18.93 -31.61 22.50
CA LYS A 160 -18.38 -32.63 21.61
C LYS A 160 -16.89 -32.38 21.47
N ARG A 161 -16.18 -33.39 20.98
CA ARG A 161 -14.74 -33.31 20.79
C ARG A 161 -14.42 -32.71 19.42
N MET A 162 -13.80 -31.54 19.41
CA MET A 162 -13.48 -30.84 18.17
C MET A 162 -11.99 -30.49 18.16
N LEU A 163 -11.24 -31.15 17.29
CA LEU A 163 -9.84 -30.81 17.09
C LEU A 163 -9.74 -29.48 16.34
N THR A 164 -8.51 -28.94 16.25
CA THR A 164 -8.32 -27.66 15.59
C THR A 164 -8.66 -27.74 14.11
N LYS A 165 -8.42 -28.89 13.47
CA LYS A 165 -8.79 -29.05 12.07
C LYS A 165 -10.31 -29.05 11.87
N ASP A 166 -11.07 -29.30 12.93
CA ASP A 166 -12.53 -29.24 12.85
C ASP A 166 -13.05 -27.83 13.13
N LEU A 167 -12.24 -26.95 13.71
CA LEU A 167 -12.66 -25.59 14.01
C LEU A 167 -12.44 -24.73 12.77
N LYS A 168 -13.39 -24.81 11.84
CA LYS A 168 -13.29 -24.11 10.58
C LYS A 168 -13.57 -22.62 10.77
N ASN A 169 -13.00 -21.80 9.89
CA ASN A 169 -13.14 -20.36 9.98
C ASN A 169 -14.59 -19.94 9.77
N GLY A 170 -15.06 -19.01 10.59
CA GLY A 170 -16.41 -18.52 10.50
C GLY A 170 -17.46 -19.34 11.24
N MET A 171 -17.06 -20.45 11.85
CA MET A 171 -18.02 -21.29 12.58
C MET A 171 -18.50 -20.59 13.84
N ILE A 172 -19.78 -20.76 14.14
CA ILE A 172 -20.39 -20.29 15.38
C ILE A 172 -20.93 -21.52 16.09
N ILE A 173 -20.17 -22.04 17.04
CA ILE A 173 -20.47 -23.32 17.69
C ILE A 173 -21.12 -23.03 19.04
N PRO A 174 -22.31 -23.59 19.31
CA PRO A 174 -22.93 -23.38 20.62
C PRO A 174 -22.06 -23.94 21.74
N SER A 175 -21.90 -23.17 22.80
CA SER A 175 -21.13 -23.62 23.97
C SER A 175 -22.05 -24.43 24.88
N MET A 176 -21.54 -24.77 26.07
CA MET A 176 -22.31 -25.55 27.02
C MET A 176 -22.98 -24.70 28.08
N TYR A 177 -23.06 -23.39 27.88
CA TYR A 177 -23.83 -22.50 28.75
C TYR A 177 -24.81 -21.70 27.91
N ASN A 178 -26.10 -22.00 28.07
CA ASN A 178 -27.18 -21.23 27.44
C ASN A 178 -27.04 -21.18 25.92
N ASN A 179 -26.37 -22.18 25.35
CA ASN A 179 -26.09 -22.24 23.91
C ASN A 179 -25.39 -20.97 23.43
N LEU A 180 -24.52 -20.43 24.26
CA LEU A 180 -23.82 -19.19 23.93
C LEU A 180 -22.86 -19.44 22.76
N GLY A 181 -22.91 -18.57 21.77
CA GLY A 181 -22.13 -18.79 20.56
C GLY A 181 -20.64 -18.62 20.79
N LEU A 182 -19.86 -19.55 20.24
CA LEU A 182 -18.41 -19.47 20.21
C LEU A 182 -18.00 -19.17 18.76
N PHE A 183 -17.34 -18.05 18.56
CA PHE A 183 -16.99 -17.56 17.22
C PHE A 183 -15.59 -18.06 16.87
N ILE A 184 -15.52 -19.00 15.93
CA ILE A 184 -14.27 -19.61 15.51
C ILE A 184 -13.69 -18.83 14.34
N ASN A 185 -12.36 -18.67 14.34
CA ASN A 185 -11.65 -18.15 13.19
C ASN A 185 -10.41 -19.01 12.96
N HIS A 186 -10.16 -19.34 11.70
CA HIS A 186 -9.06 -20.23 11.33
C HIS A 186 -8.33 -19.58 10.16
N TYR A 187 -7.08 -19.21 10.37
CA TYR A 187 -6.38 -18.39 9.39
C TYR A 187 -5.37 -19.22 8.60
N PRO A 188 -5.02 -18.79 7.39
CA PRO A 188 -4.08 -19.56 6.57
C PRO A 188 -2.74 -19.80 7.23
N ASN A 189 -2.30 -18.90 8.12
CA ASN A 189 -1.01 -19.11 8.80
C ASN A 189 -1.08 -20.18 9.87
N GLY A 190 -2.25 -20.75 10.15
CA GLY A 190 -2.41 -21.79 11.14
C GLY A 190 -2.99 -21.31 12.45
N VAL A 191 -3.13 -20.00 12.65
CA VAL A 191 -3.68 -19.48 13.90
C VAL A 191 -5.15 -19.83 14.00
N VAL A 192 -5.55 -20.41 15.14
CA VAL A 192 -6.95 -20.73 15.41
C VAL A 192 -7.38 -19.93 16.64
N THR A 193 -8.45 -19.17 16.50
CA THR A 193 -8.96 -18.33 17.58
C THR A 193 -10.41 -18.65 17.89
N VAL A 194 -10.76 -18.52 19.17
CA VAL A 194 -12.13 -18.63 19.66
C VAL A 194 -12.46 -17.31 20.33
N ASN A 195 -13.42 -16.56 19.77
CA ASN A 195 -13.71 -15.21 20.22
C ASN A 195 -12.44 -14.37 20.26
N CYS A 196 -11.59 -14.56 19.24
CA CYS A 196 -10.28 -13.95 19.07
C CYS A 196 -9.26 -14.39 20.12
N ALA A 197 -9.61 -15.33 21.00
CA ALA A 197 -8.63 -15.93 21.89
C ALA A 197 -7.84 -16.97 21.11
N ARG A 198 -6.54 -16.76 20.98
CA ARG A 198 -5.71 -17.66 20.19
C ARG A 198 -5.42 -18.96 20.95
N ILE A 199 -5.43 -20.07 20.22
CA ILE A 199 -5.08 -21.37 20.80
C ILE A 199 -3.56 -21.48 20.78
N ILE A 200 -2.95 -21.51 21.97
CA ILE A 200 -1.51 -21.67 22.06
C ILE A 200 -1.12 -23.13 21.91
N HIS A 201 -1.66 -23.99 22.78
CA HIS A 201 -1.43 -25.43 22.74
C HIS A 201 -2.72 -26.11 22.34
N GLY A 202 -2.72 -26.75 21.18
CA GLY A 202 -3.92 -27.35 20.62
C GLY A 202 -3.87 -28.87 20.63
N ASN A 203 -5.06 -29.47 20.70
CA ASN A 203 -5.25 -30.90 20.45
C ASN A 203 -4.53 -31.77 21.47
N GLN A 204 -4.84 -31.56 22.75
CA GLN A 204 -4.38 -32.49 23.78
C GLN A 204 -5.50 -33.51 24.01
N ILE A 205 -5.27 -34.74 23.54
CA ILE A 205 -6.31 -35.75 23.51
C ILE A 205 -6.57 -36.27 24.91
N ALA A 206 -7.84 -36.33 25.29
CA ALA A 206 -8.27 -36.86 26.57
C ALA A 206 -9.23 -38.02 26.33
N THR A 207 -9.23 -38.97 27.27
CA THR A 207 -10.11 -40.14 27.17
C THR A 207 -11.55 -39.74 26.85
N ASN A 208 -11.99 -38.58 27.34
CA ASN A 208 -13.35 -38.11 27.11
C ASN A 208 -13.35 -36.72 26.47
N GLY A 209 -12.39 -36.45 25.59
CA GLY A 209 -12.42 -35.16 24.91
C GLY A 209 -11.09 -34.62 24.40
N VAL A 210 -10.93 -33.30 24.47
CA VAL A 210 -9.72 -32.63 23.99
C VAL A 210 -9.58 -31.29 24.71
N VAL A 211 -8.33 -30.91 24.98
CA VAL A 211 -8.01 -29.65 25.64
C VAL A 211 -7.19 -28.79 24.69
N HIS A 212 -7.60 -27.53 24.56
CA HIS A 212 -6.84 -26.50 23.84
C HIS A 212 -6.58 -25.35 24.80
N VAL A 213 -5.31 -24.98 24.94
CA VAL A 213 -4.93 -23.88 25.82
C VAL A 213 -5.03 -22.58 25.05
N ILE A 214 -5.86 -21.65 25.53
CA ILE A 214 -6.05 -20.36 24.88
C ILE A 214 -5.37 -19.28 25.71
N ASP A 215 -5.18 -18.12 25.08
CA ASP A 215 -4.34 -17.06 25.63
C ASP A 215 -5.12 -16.02 26.43
N ARG A 216 -6.44 -16.16 26.56
CA ARG A 216 -7.21 -15.21 27.35
C ARG A 216 -8.50 -15.88 27.83
N VAL A 217 -9.08 -15.29 28.86
CA VAL A 217 -10.36 -15.77 29.38
C VAL A 217 -11.49 -15.20 28.52
N LEU A 218 -12.37 -16.08 28.05
CA LEU A 218 -13.49 -15.63 27.22
C LEU A 218 -14.47 -14.81 28.04
N THR A 219 -15.02 -13.77 27.42
CA THR A 219 -16.00 -12.89 28.06
C THR A 219 -17.22 -12.78 27.16
N GLN A 220 -18.27 -12.17 27.69
CA GLN A 220 -19.50 -11.97 26.94
C GLN A 220 -19.26 -11.04 25.77
N ILE A 221 -19.59 -11.51 24.56
CA ILE A 221 -19.41 -10.69 23.37
C ILE A 221 -20.42 -9.54 23.37
N GLY A 222 -20.04 -8.44 22.74
CA GLY A 222 -20.93 -7.31 22.61
C GLY A 222 -22.12 -7.61 21.72
N THR A 223 -23.13 -6.75 21.81
CA THR A 223 -24.34 -6.93 21.02
C THR A 223 -24.05 -6.79 19.53
N SER A 224 -23.35 -5.73 19.16
CA SER A 224 -22.93 -5.50 17.78
C SER A 224 -21.90 -4.38 17.77
N ILE A 225 -21.27 -4.19 16.62
CA ILE A 225 -20.32 -3.10 16.47
C ILE A 225 -21.02 -1.75 16.61
N GLN A 226 -22.20 -1.62 15.99
CA GLN A 226 -22.96 -0.38 16.10
C GLN A 226 -23.31 -0.08 17.56
N ASP A 227 -23.73 -1.10 18.31
CA ASP A 227 -24.11 -0.88 19.70
C ASP A 227 -22.91 -0.48 20.55
N PHE A 228 -21.74 -1.04 20.25
CA PHE A 228 -20.53 -0.62 20.96
C PHE A 228 -20.17 0.82 20.61
N ILE A 229 -20.37 1.22 19.36
CA ILE A 229 -20.09 2.59 18.96
C ILE A 229 -21.03 3.56 19.67
N GLU A 230 -22.32 3.22 19.72
CA GLU A 230 -23.29 4.09 20.39
C GLU A 230 -23.08 4.12 21.90
N ALA A 231 -22.58 3.02 22.48
CA ALA A 231 -22.39 2.97 23.92
C ALA A 231 -21.10 3.67 24.35
N GLU A 232 -20.01 3.43 23.64
CA GLU A 232 -18.72 3.99 24.02
C GLU A 232 -18.70 5.50 23.80
N ASP A 233 -18.37 6.25 24.85
CA ASP A 233 -18.30 7.70 24.75
C ASP A 233 -17.03 8.15 24.03
N ASP A 234 -15.92 7.45 24.22
CA ASP A 234 -14.67 7.81 23.56
C ASP A 234 -14.74 7.67 22.05
N LEU A 235 -15.81 7.07 21.52
CA LEU A 235 -16.06 7.00 20.09
C LEU A 235 -17.20 7.94 19.68
N SER A 236 -17.38 9.04 20.41
CA SER A 236 -18.46 9.98 20.09
C SER A 236 -18.28 10.58 18.71
N SER A 237 -17.11 11.18 18.45
CA SER A 237 -16.84 11.79 17.16
C SER A 237 -17.13 10.82 16.02
N PHE A 238 -16.44 9.67 16.03
CA PHE A 238 -16.66 8.65 15.01
C PHE A 238 -18.13 8.26 14.90
N ARG A 239 -18.85 8.26 16.03
CA ARG A 239 -20.28 7.99 15.97
C ARG A 239 -21.00 9.05 15.14
N ALA A 240 -20.79 10.32 15.46
CA ALA A 240 -21.44 11.40 14.73
C ALA A 240 -21.19 11.27 13.23
N ALA A 241 -19.92 11.26 12.82
CA ALA A 241 -19.57 11.02 11.43
C ALA A 241 -20.33 9.82 10.86
N ALA A 242 -20.33 8.70 11.59
CA ALA A 242 -21.05 7.53 11.12
C ALA A 242 -22.51 7.85 10.84
N ILE A 243 -23.19 8.47 11.81
CA ILE A 243 -24.59 8.84 11.60
C ILE A 243 -24.74 9.83 10.45
N THR A 244 -23.72 10.67 10.22
CA THR A 244 -23.77 11.56 9.07
C THR A 244 -23.59 10.81 7.75
N SER A 245 -22.81 9.74 7.76
CA SER A 245 -22.52 8.99 6.54
C SER A 245 -23.50 7.85 6.28
N ASP A 246 -24.48 7.64 7.17
CA ASP A 246 -25.49 6.58 7.01
C ASP A 246 -24.84 5.20 6.87
N ILE A 247 -23.74 5.00 7.59
CA ILE A 247 -23.04 3.71 7.59
C ILE A 247 -23.18 2.98 8.92
N LEU A 248 -23.67 3.62 9.97
CA LEU A 248 -23.80 2.97 11.27
C LEU A 248 -24.86 1.87 11.24
N GLU A 249 -25.84 1.98 10.34
CA GLU A 249 -26.88 0.95 10.25
C GLU A 249 -26.30 -0.38 9.80
N ALA A 250 -25.33 -0.35 8.88
CA ALA A 250 -24.75 -1.59 8.38
C ALA A 250 -23.91 -2.29 9.44
N LEU A 251 -23.31 -1.53 10.35
CA LEU A 251 -22.50 -2.10 11.43
C LEU A 251 -23.35 -2.69 12.54
N GLY A 252 -24.67 -2.74 12.38
CA GLY A 252 -25.55 -3.38 13.34
C GLY A 252 -26.16 -4.65 12.79
N ARG A 253 -26.11 -4.81 11.47
CA ARG A 253 -26.60 -6.03 10.85
C ARG A 253 -25.57 -7.13 10.98
N ASP A 254 -25.99 -8.36 10.67
CA ASP A 254 -25.12 -9.51 10.81
C ASP A 254 -23.94 -9.42 9.84
N GLY A 255 -22.86 -10.08 10.22
CA GLY A 255 -21.66 -10.08 9.40
C GLY A 255 -20.45 -10.42 10.25
N HIS A 256 -19.27 -10.24 9.62
CA HIS A 256 -17.98 -10.51 10.26
C HIS A 256 -17.02 -9.37 9.88
N PHE A 257 -17.25 -8.20 10.46
CA PHE A 257 -16.48 -7.02 10.14
C PHE A 257 -15.26 -6.91 11.05
N THR A 258 -14.26 -6.17 10.56
CA THR A 258 -13.16 -5.68 11.37
C THR A 258 -13.20 -4.16 11.30
N LEU A 259 -13.41 -3.52 12.45
CA LEU A 259 -13.49 -2.06 12.52
C LEU A 259 -12.28 -1.53 13.25
N PHE A 260 -11.57 -0.60 12.60
CA PHE A 260 -10.49 0.16 13.25
C PHE A 260 -11.10 1.49 13.68
N ALA A 261 -11.57 1.52 14.92
CA ALA A 261 -12.30 2.69 15.41
C ALA A 261 -11.34 3.77 15.88
N PRO A 262 -11.37 4.97 15.30
CA PRO A 262 -10.55 6.07 15.81
C PRO A 262 -11.25 6.77 16.97
N THR A 263 -10.51 6.95 18.06
CA THR A 263 -11.08 7.59 19.25
C THR A 263 -11.19 9.10 19.03
N ASN A 264 -11.74 9.79 20.04
CA ASN A 264 -11.84 11.24 19.96
C ASN A 264 -10.48 11.91 19.93
N GLU A 265 -9.49 11.30 20.60
CA GLU A 265 -8.12 11.78 20.51
C GLU A 265 -7.64 11.80 19.06
N ALA A 266 -7.98 10.75 18.30
CA ALA A 266 -7.59 10.67 16.90
C ALA A 266 -8.14 11.85 16.11
N PHE A 267 -9.42 12.17 16.31
CA PHE A 267 -10.01 13.30 15.60
C PHE A 267 -9.40 14.63 16.07
N GLU A 268 -9.06 14.72 17.35
CA GLU A 268 -8.40 15.93 17.84
C GLU A 268 -7.02 16.11 17.21
N LYS A 269 -6.37 15.01 16.81
CA LYS A 269 -5.02 15.13 16.25
C LYS A 269 -5.01 15.84 14.90
N LEU A 270 -6.10 15.75 14.12
CA LEU A 270 -6.10 16.26 12.76
C LEU A 270 -5.88 17.78 12.74
N PRO A 271 -5.36 18.32 11.63
CA PRO A 271 -5.27 19.77 11.50
C PRO A 271 -6.65 20.42 11.52
N ARG A 272 -6.65 21.72 11.82
CA ARG A 272 -7.89 22.46 11.99
C ARG A 272 -8.66 22.56 10.67
N GLY A 273 -9.98 22.40 10.76
CA GLY A 273 -10.84 22.49 9.60
C GLY A 273 -10.88 21.26 8.73
N VAL A 274 -9.87 20.39 8.80
CA VAL A 274 -9.85 19.19 7.96
C VAL A 274 -11.04 18.30 8.27
N LEU A 275 -11.30 18.07 9.56
CA LEU A 275 -12.47 17.29 9.94
C LEU A 275 -13.76 17.98 9.51
N GLU A 276 -13.83 19.30 9.69
CA GLU A 276 -15.00 20.04 9.25
C GLU A 276 -15.16 19.95 7.73
N ARG A 277 -14.05 20.01 7.00
CA ARG A 277 -14.13 19.96 5.54
C ARG A 277 -14.61 18.59 5.06
N ILE A 278 -14.10 17.51 5.66
CA ILE A 278 -14.51 16.17 5.25
C ILE A 278 -15.95 15.90 5.67
N MET A 279 -16.35 16.38 6.85
CA MET A 279 -17.72 16.16 7.31
C MET A 279 -18.71 16.97 6.50
N GLY A 280 -18.33 18.15 6.02
CA GLY A 280 -19.22 18.95 5.21
C GLY A 280 -19.49 18.38 3.84
N ASP A 281 -18.67 17.43 3.40
CA ASP A 281 -18.85 16.75 2.11
C ASP A 281 -19.27 15.32 2.36
N LYS A 282 -20.37 14.91 1.73
CA LYS A 282 -20.92 13.57 1.98
C LYS A 282 -20.01 12.49 1.41
N VAL A 283 -19.38 12.75 0.26
CA VAL A 283 -18.56 11.74 -0.39
C VAL A 283 -17.29 11.49 0.42
N ALA A 284 -16.60 12.57 0.79
CA ALA A 284 -15.36 12.43 1.56
C ALA A 284 -15.63 11.80 2.92
N SER A 285 -16.76 12.14 3.53
CA SER A 285 -17.11 11.56 4.83
C SER A 285 -17.44 10.08 4.70
N GLU A 286 -18.20 9.71 3.66
CA GLU A 286 -18.55 8.31 3.47
C GLU A 286 -17.33 7.46 3.18
N ALA A 287 -16.45 7.94 2.30
CA ALA A 287 -15.21 7.22 2.02
C ALA A 287 -14.33 7.15 3.26
N LEU A 288 -14.26 8.24 4.03
CA LEU A 288 -13.51 8.24 5.28
C LEU A 288 -14.03 7.17 6.23
N MET A 289 -15.35 7.03 6.33
CA MET A 289 -15.91 6.02 7.24
C MET A 289 -15.64 4.61 6.73
N LYS A 290 -15.92 4.34 5.46
CA LYS A 290 -15.72 3.00 4.92
C LYS A 290 -14.26 2.59 4.90
N TYR A 291 -13.33 3.56 4.92
CA TYR A 291 -11.91 3.22 4.90
C TYR A 291 -11.42 2.56 6.18
N HIS A 292 -12.22 2.59 7.25
CA HIS A 292 -11.84 1.98 8.52
C HIS A 292 -12.38 0.57 8.70
N ILE A 293 -13.17 0.06 7.75
CA ILE A 293 -13.94 -1.16 7.95
C ILE A 293 -13.44 -2.23 6.99
N LEU A 294 -13.20 -3.42 7.53
CA LEU A 294 -12.86 -4.60 6.74
C LEU A 294 -14.07 -5.52 6.64
N ASN A 295 -14.18 -6.22 5.51
CA ASN A 295 -15.30 -7.14 5.30
C ASN A 295 -15.07 -8.49 5.95
N THR A 296 -13.88 -8.76 6.47
CA THR A 296 -13.56 -10.01 7.14
C THR A 296 -13.07 -9.75 8.55
N LEU A 297 -13.15 -10.79 9.39
CA LEU A 297 -12.76 -10.69 10.79
C LEU A 297 -11.29 -11.03 10.93
N GLN A 298 -10.50 -10.07 11.39
CA GLN A 298 -9.06 -10.23 11.57
C GLN A 298 -8.74 -10.00 13.05
N CYS A 299 -8.70 -11.08 13.82
CA CYS A 299 -8.25 -10.99 15.20
C CYS A 299 -6.78 -10.54 15.24
N SER A 300 -6.41 -9.87 16.33
CA SER A 300 -5.05 -9.34 16.43
C SER A 300 -4.01 -10.45 16.45
N GLU A 301 -4.34 -11.58 17.08
CA GLU A 301 -3.37 -12.68 17.20
C GLU A 301 -3.17 -13.42 15.89
N SER A 302 -3.96 -13.15 14.86
CA SER A 302 -3.73 -13.74 13.54
C SER A 302 -2.67 -12.99 12.76
N ILE A 303 -2.24 -11.82 13.25
CA ILE A 303 -1.27 -10.99 12.55
C ILE A 303 0.12 -11.41 13.00
N MET A 304 0.84 -12.11 12.12
CA MET A 304 2.23 -12.45 12.34
C MET A 304 3.18 -11.69 11.43
N GLY A 305 2.65 -10.90 10.50
CA GLY A 305 3.48 -10.12 9.61
C GLY A 305 2.65 -9.15 8.82
N GLY A 306 3.29 -8.51 7.85
CA GLY A 306 2.60 -7.51 7.03
C GLY A 306 1.72 -8.15 5.98
N ALA A 307 0.56 -7.52 5.75
CA ALA A 307 -0.36 -7.97 4.72
C ALA A 307 -1.25 -6.80 4.33
N VAL A 308 -1.88 -6.91 3.16
CA VAL A 308 -2.76 -5.88 2.64
C VAL A 308 -4.20 -6.39 2.71
N PHE A 309 -5.12 -5.51 3.07
CA PHE A 309 -6.53 -5.85 3.22
C PHE A 309 -7.38 -4.78 2.55
N GLU A 310 -8.35 -5.20 1.74
CA GLU A 310 -9.26 -4.27 1.09
C GLU A 310 -10.31 -3.79 2.07
N THR A 311 -10.45 -2.47 2.18
CA THR A 311 -11.46 -1.87 3.05
C THR A 311 -12.78 -1.75 2.30
N LEU A 312 -13.82 -1.29 3.00
CA LEU A 312 -15.10 -1.07 2.36
C LEU A 312 -15.08 0.15 1.44
N GLU A 313 -14.14 1.06 1.63
CA GLU A 313 -14.00 2.20 0.73
C GLU A 313 -13.50 1.78 -0.64
N GLY A 314 -12.79 0.65 -0.74
CA GLY A 314 -12.28 0.19 -2.01
C GLY A 314 -10.77 0.06 -1.99
N ASN A 315 -10.10 1.04 -1.40
CA ASN A 315 -8.65 0.98 -1.27
C ASN A 315 -8.25 0.09 -0.09
N THR A 316 -6.99 -0.30 -0.07
CA THR A 316 -6.47 -1.23 0.91
C THR A 316 -5.73 -0.49 2.02
N ILE A 317 -5.60 -1.19 3.15
CA ILE A 317 -4.73 -0.77 4.25
C ILE A 317 -3.75 -1.89 4.51
N GLU A 318 -2.57 -1.54 5.01
CA GLU A 318 -1.54 -2.50 5.35
C GLU A 318 -1.57 -2.75 6.86
N ILE A 319 -1.86 -3.99 7.24
CA ILE A 319 -1.90 -4.40 8.63
C ILE A 319 -0.65 -5.23 8.92
N GLY A 320 0.05 -4.88 10.00
CA GLY A 320 1.23 -5.62 10.41
C GLY A 320 1.38 -5.63 11.91
N CYS A 321 2.56 -6.01 12.40
CA CYS A 321 2.80 -6.04 13.83
C CYS A 321 4.27 -5.83 14.10
N ASP A 322 4.56 -5.01 15.11
CA ASP A 322 5.90 -4.77 15.64
C ASP A 322 5.86 -5.26 17.08
N GLY A 323 6.47 -6.43 17.32
CA GLY A 323 6.35 -7.04 18.63
C GLY A 323 4.90 -7.40 18.91
N ASP A 324 4.34 -6.84 19.98
CA ASP A 324 2.94 -7.01 20.31
C ASP A 324 2.11 -5.77 19.99
N SER A 325 2.64 -4.86 19.16
CA SER A 325 1.92 -3.67 18.76
C SER A 325 1.41 -3.84 17.33
N ILE A 326 0.09 -3.75 17.15
CA ILE A 326 -0.48 -3.83 15.82
C ILE A 326 -0.20 -2.53 15.07
N THR A 327 0.27 -2.65 13.83
CA THR A 327 0.56 -1.51 12.99
C THR A 327 -0.47 -1.42 11.87
N VAL A 328 -0.91 -0.20 11.59
CA VAL A 328 -1.80 0.10 10.47
C VAL A 328 -1.10 1.12 9.59
N ASN A 329 -0.84 0.75 8.33
CA ASN A 329 -0.07 1.58 7.41
C ASN A 329 1.29 1.95 8.00
N GLY A 330 1.89 1.00 8.70
CA GLY A 330 3.22 1.18 9.28
C GLY A 330 3.28 2.02 10.52
N ILE A 331 2.14 2.37 11.11
CA ILE A 331 2.08 3.22 12.30
C ILE A 331 1.54 2.40 13.46
N LYS A 332 2.25 2.45 14.60
CA LYS A 332 1.82 1.74 15.80
C LYS A 332 0.72 2.56 16.49
N MET A 333 -0.48 2.51 15.91
CA MET A 333 -1.59 3.33 16.37
C MET A 333 -2.64 2.56 17.15
N VAL A 334 -2.54 1.24 17.22
CA VAL A 334 -3.53 0.44 17.94
C VAL A 334 -3.17 0.40 19.42
N ASN A 335 -4.13 0.76 20.28
CA ASN A 335 -3.94 0.74 21.72
C ASN A 335 -4.83 -0.25 22.45
N LYS A 336 -6.06 -0.48 21.98
CA LYS A 336 -6.94 -1.49 22.56
C LYS A 336 -7.49 -2.35 21.43
N LYS A 337 -7.28 -3.66 21.51
CA LYS A 337 -7.57 -4.56 20.41
C LYS A 337 -8.49 -5.70 20.87
N ASP A 338 -9.08 -6.37 19.87
CA ASP A 338 -9.89 -7.57 20.09
C ASP A 338 -11.12 -7.29 20.94
N ILE A 339 -11.88 -6.27 20.54
CA ILE A 339 -13.19 -5.99 21.14
C ILE A 339 -14.21 -6.77 20.31
N VAL A 340 -14.52 -7.97 20.78
CA VAL A 340 -15.34 -8.91 20.01
C VAL A 340 -16.81 -8.60 20.22
N THR A 341 -17.58 -8.63 19.12
CA THR A 341 -19.01 -8.42 19.14
C THR A 341 -19.67 -9.44 18.21
N ASN A 342 -20.98 -9.59 18.38
CA ASN A 342 -21.76 -10.59 17.64
C ASN A 342 -21.59 -10.49 16.13
N ASN A 343 -21.08 -9.37 15.62
CA ASN A 343 -20.91 -9.21 14.18
C ASN A 343 -19.52 -8.70 13.81
N GLY A 344 -18.51 -9.02 14.62
CA GLY A 344 -17.14 -8.73 14.24
C GLY A 344 -16.35 -8.11 15.36
N VAL A 345 -15.09 -7.78 15.04
CA VAL A 345 -14.10 -7.33 16.02
C VAL A 345 -13.80 -5.86 15.82
N ILE A 346 -13.44 -5.19 16.91
CA ILE A 346 -13.10 -3.77 16.91
C ILE A 346 -11.72 -3.58 17.54
N HIS A 347 -10.89 -2.77 16.89
CA HIS A 347 -9.60 -2.35 17.42
C HIS A 347 -9.56 -0.82 17.44
N LEU A 348 -9.29 -0.26 18.61
CA LEU A 348 -9.21 1.20 18.76
C LEU A 348 -7.84 1.68 18.30
N ILE A 349 -7.82 2.84 17.61
CA ILE A 349 -6.59 3.32 17.01
C ILE A 349 -6.31 4.76 17.41
N ASP A 350 -5.03 5.15 17.31
CA ASP A 350 -4.60 6.48 17.75
C ASP A 350 -4.91 7.55 16.71
N GLN A 351 -4.95 7.20 15.44
CA GLN A 351 -5.07 8.17 14.36
C GLN A 351 -6.30 7.85 13.51
N VAL A 352 -6.67 8.81 12.69
CA VAL A 352 -7.75 8.63 11.72
C VAL A 352 -7.15 8.16 10.41
N LEU A 353 -7.76 7.15 9.80
CA LEU A 353 -7.33 6.64 8.50
C LEU A 353 -8.02 7.47 7.43
N ILE A 354 -7.24 8.25 6.68
CA ILE A 354 -7.78 9.16 5.68
C ILE A 354 -7.44 8.59 4.31
N PRO A 355 -8.41 8.08 3.55
CA PRO A 355 -8.13 7.57 2.21
C PRO A 355 -7.87 8.72 1.25
N ASP A 356 -7.24 8.38 0.12
CA ASP A 356 -6.94 9.38 -0.90
C ASP A 356 -8.20 10.05 -1.41
N SER A 357 -9.31 9.30 -1.51
CA SER A 357 -10.55 9.84 -2.05
C SER A 357 -11.19 10.91 -1.16
N ALA A 358 -10.64 11.14 0.04
CA ALA A 358 -11.15 12.16 0.94
C ALA A 358 -10.16 13.30 1.17
N LYS A 359 -9.02 13.27 0.49
CA LYS A 359 -7.97 14.27 0.69
C LYS A 359 -8.04 15.35 -0.37
N GLN A 360 -7.72 16.58 0.03
CA GLN A 360 -7.47 17.63 -0.94
C GLN A 360 -6.24 17.26 -1.79
N VAL A 361 -6.15 17.88 -2.96
CA VAL A 361 -5.18 17.43 -3.95
C VAL A 361 -3.75 17.58 -3.41
N ILE A 362 -3.45 18.70 -2.76
CA ILE A 362 -2.10 18.92 -2.25
C ILE A 362 -1.77 17.94 -1.13
N GLU A 363 -2.79 17.39 -0.47
CA GLU A 363 -2.57 16.38 0.57
C GLU A 363 -2.24 15.01 -0.01
N LEU A 364 -2.30 14.84 -1.33
CA LEU A 364 -1.98 13.57 -1.95
C LEU A 364 -0.48 13.32 -2.10
N ALA A 365 0.35 14.34 -1.91
CA ALA A 365 1.78 14.19 -2.14
C ALA A 365 2.45 13.51 -0.95
N GLY A 366 3.56 12.82 -1.24
CA GLY A 366 4.30 12.11 -0.22
C GLY A 366 5.65 12.72 0.08
N LYS A 367 6.61 11.88 0.48
CA LYS A 367 7.94 12.37 0.84
C LYS A 367 8.63 13.05 -0.33
N GLN A 368 8.82 12.32 -1.43
CA GLN A 368 9.60 12.82 -2.55
C GLN A 368 8.95 14.00 -3.26
N GLN A 369 7.82 14.52 -2.78
CA GLN A 369 7.22 15.73 -3.35
C GLN A 369 7.22 16.90 -2.38
N THR A 370 7.74 16.72 -1.16
CA THR A 370 7.66 17.77 -0.15
C THR A 370 8.16 19.10 -0.67
N THR A 371 9.37 19.12 -1.23
CA THR A 371 9.92 20.33 -1.84
C THR A 371 8.85 21.01 -2.70
N PHE A 372 8.33 20.27 -3.69
CA PHE A 372 7.27 20.81 -4.54
C PHE A 372 6.14 21.41 -3.70
N THR A 373 5.58 20.60 -2.80
CA THR A 373 4.44 21.06 -2.02
C THR A 373 4.83 22.19 -1.08
N ASP A 374 6.09 22.26 -0.67
CA ASP A 374 6.52 23.42 0.09
C ASP A 374 6.57 24.65 -0.79
N LEU A 375 7.12 24.50 -2.00
CA LEU A 375 7.29 25.64 -2.90
C LEU A 375 5.94 26.28 -3.22
N VAL A 376 4.99 25.49 -3.72
CA VAL A 376 3.67 26.02 -4.05
C VAL A 376 2.99 26.63 -2.83
N ALA A 377 3.40 26.21 -1.62
CA ALA A 377 2.85 26.84 -0.43
C ALA A 377 3.61 28.13 -0.11
N GLN A 378 4.94 28.10 -0.26
CA GLN A 378 5.75 29.26 0.11
C GLN A 378 5.63 30.39 -0.89
N LEU A 379 5.27 30.09 -2.14
CA LEU A 379 5.16 31.10 -3.18
C LEU A 379 3.72 31.53 -3.45
N GLY A 380 2.78 31.14 -2.58
CA GLY A 380 1.43 31.68 -2.65
C GLY A 380 0.50 31.01 -3.63
N LEU A 381 0.73 29.75 -3.97
CA LEU A 381 -0.14 29.04 -4.90
C LEU A 381 -1.07 28.05 -4.23
N ALA A 382 -0.83 27.72 -2.96
CA ALA A 382 -1.65 26.71 -2.29
C ALA A 382 -3.09 27.17 -2.10
N SER A 383 -3.27 28.47 -1.82
CA SER A 383 -4.63 28.99 -1.63
C SER A 383 -5.45 28.95 -2.90
N ALA A 384 -4.81 28.88 -4.07
CA ALA A 384 -5.54 28.82 -5.33
C ALA A 384 -6.16 27.46 -5.59
N LEU A 385 -5.81 26.44 -4.80
CA LEU A 385 -6.39 25.10 -4.93
C LEU A 385 -7.64 25.03 -4.06
N ARG A 386 -8.73 25.58 -4.60
CA ARG A 386 -9.98 25.70 -3.87
C ARG A 386 -10.65 24.33 -3.75
N PRO A 387 -11.32 24.08 -2.62
CA PRO A 387 -12.01 22.80 -2.45
C PRO A 387 -13.12 22.57 -3.48
N ASP A 388 -13.79 23.62 -3.93
CA ASP A 388 -14.86 23.49 -4.92
C ASP A 388 -14.34 23.39 -6.35
N GLY A 389 -13.03 23.55 -6.56
CA GLY A 389 -12.43 23.36 -7.86
C GLY A 389 -11.86 21.95 -8.02
N GLU A 390 -11.35 21.69 -9.22
CA GLU A 390 -10.69 20.41 -9.51
C GLU A 390 -9.37 20.70 -10.19
N TYR A 391 -8.31 20.07 -9.70
CA TYR A 391 -6.95 20.44 -10.12
C TYR A 391 -6.11 19.19 -10.37
N THR A 392 -5.01 19.41 -11.08
CA THR A 392 -4.01 18.38 -11.33
C THR A 392 -2.64 18.95 -10.99
N LEU A 393 -1.92 18.27 -10.11
CA LEU A 393 -0.58 18.66 -9.74
C LEU A 393 0.42 17.78 -10.49
N LEU A 394 1.36 18.42 -11.16
CA LEU A 394 2.46 17.76 -11.85
C LEU A 394 3.71 17.98 -11.00
N ALA A 395 3.94 17.06 -10.05
CA ALA A 395 4.91 17.25 -9.00
C ALA A 395 6.24 16.61 -9.37
N PRO A 396 7.31 17.39 -9.57
CA PRO A 396 8.64 16.78 -9.73
C PRO A 396 9.14 16.24 -8.41
N VAL A 397 9.98 15.19 -8.50
CA VAL A 397 10.59 14.65 -7.29
C VAL A 397 11.55 15.68 -6.70
N ASN A 398 11.91 15.46 -5.42
CA ASN A 398 12.82 16.37 -4.74
C ASN A 398 14.17 16.44 -5.44
N ASN A 399 14.61 15.35 -6.07
CA ASN A 399 15.88 15.34 -6.79
C ASN A 399 15.86 16.24 -8.03
N ALA A 400 14.69 16.67 -8.48
CA ALA A 400 14.59 17.52 -9.66
C ALA A 400 14.87 18.98 -9.37
N PHE A 401 15.03 19.37 -8.11
CA PHE A 401 15.27 20.75 -7.72
C PHE A 401 16.74 20.86 -7.31
N SER A 402 17.58 21.32 -8.22
CA SER A 402 18.99 21.52 -7.93
C SER A 402 19.18 22.82 -7.14
N ASP A 403 20.39 22.99 -6.62
CA ASP A 403 20.71 24.22 -5.89
C ASP A 403 20.65 25.43 -6.82
N ASP A 404 21.09 25.27 -8.06
CA ASP A 404 21.01 26.37 -9.02
C ASP A 404 19.56 26.74 -9.32
N THR A 405 18.68 25.74 -9.36
CA THR A 405 17.26 26.03 -9.58
C THR A 405 16.66 26.78 -8.40
N LEU A 406 16.94 26.32 -7.18
CA LEU A 406 16.46 26.99 -5.98
C LEU A 406 17.13 28.34 -5.76
N SER A 407 18.23 28.63 -6.46
CA SER A 407 18.92 29.90 -6.32
C SER A 407 18.36 30.99 -7.23
N MET A 408 17.45 30.66 -8.15
CA MET A 408 16.84 31.67 -8.98
C MET A 408 15.84 32.49 -8.16
N ASP A 409 15.55 33.69 -8.66
CA ASP A 409 14.57 34.55 -8.00
C ASP A 409 13.22 33.84 -7.92
N GLN A 410 12.63 33.83 -6.73
CA GLN A 410 11.46 33.00 -6.47
C GLN A 410 10.23 33.43 -7.26
N ARG A 411 10.29 34.55 -7.98
CA ARG A 411 9.17 34.93 -8.83
C ARG A 411 9.21 34.15 -10.15
N LEU A 412 10.40 34.04 -10.76
CA LEU A 412 10.57 33.16 -11.91
C LEU A 412 10.22 31.72 -11.52
N LEU A 413 10.72 31.28 -10.36
CA LEU A 413 10.38 29.95 -9.86
C LEU A 413 8.88 29.81 -9.63
N LYS A 414 8.21 30.91 -9.23
CA LYS A 414 6.76 30.86 -9.08
C LYS A 414 6.07 30.66 -10.42
N LEU A 415 6.55 31.31 -11.48
CA LEU A 415 6.01 31.06 -12.80
C LEU A 415 6.19 29.60 -13.21
N ILE A 416 7.41 29.09 -13.00
CA ILE A 416 7.69 27.69 -13.33
C ILE A 416 6.71 26.76 -12.61
N LEU A 417 6.53 26.98 -11.30
CA LEU A 417 5.57 26.18 -10.55
C LEU A 417 4.16 26.35 -11.09
N GLN A 418 3.82 27.55 -11.58
CA GLN A 418 2.52 27.75 -12.21
C GLN A 418 2.39 26.93 -13.48
N ASN A 419 3.51 26.50 -14.08
CA ASN A 419 3.41 25.55 -15.18
C ASN A 419 3.21 24.11 -14.73
N HIS A 420 3.11 23.85 -13.42
CA HIS A 420 2.93 22.50 -12.90
C HIS A 420 1.57 22.29 -12.25
N ILE A 421 0.62 23.21 -12.44
CA ILE A 421 -0.70 23.11 -11.84
C ILE A 421 -1.73 23.34 -12.93
N LEU A 422 -2.69 22.42 -13.04
CA LEU A 422 -3.80 22.54 -13.96
C LEU A 422 -5.08 22.85 -13.18
N LYS A 423 -5.97 23.63 -13.78
CA LYS A 423 -7.25 23.94 -13.18
C LYS A 423 -8.34 22.95 -13.59
N VAL A 424 -7.96 21.77 -14.06
CA VAL A 424 -8.87 20.69 -14.39
C VAL A 424 -8.26 19.38 -13.91
N LYS A 425 -9.09 18.52 -13.34
CA LYS A 425 -8.64 17.19 -12.92
C LYS A 425 -8.44 16.30 -14.14
N VAL A 426 -7.21 15.84 -14.36
CA VAL A 426 -6.88 14.97 -15.47
C VAL A 426 -6.23 13.73 -14.89
N GLY A 427 -6.98 12.62 -14.86
CA GLY A 427 -6.43 11.38 -14.38
C GLY A 427 -5.43 10.78 -15.35
N LEU A 428 -4.56 9.93 -14.80
CA LEU A 428 -3.58 9.24 -15.64
C LEU A 428 -4.27 8.43 -16.74
N ASN A 429 -5.43 7.85 -16.43
CA ASN A 429 -6.16 7.04 -17.38
C ASN A 429 -6.92 7.86 -18.41
N GLU A 430 -6.80 9.19 -18.38
CA GLU A 430 -7.43 10.06 -19.36
C GLU A 430 -6.44 10.69 -20.34
N LEU A 431 -5.15 10.61 -20.06
CA LEU A 431 -4.16 11.21 -20.95
C LEU A 431 -4.10 10.46 -22.27
N TYR A 432 -3.92 11.21 -23.36
CA TYR A 432 -3.80 10.63 -24.69
C TYR A 432 -2.76 11.40 -25.48
N ASN A 433 -2.21 10.74 -26.50
CA ASN A 433 -1.16 11.35 -27.30
C ASN A 433 -1.68 12.57 -28.04
N GLY A 434 -0.88 13.65 -28.03
CA GLY A 434 -1.27 14.88 -28.68
C GLY A 434 -2.18 15.79 -27.86
N GLN A 435 -2.55 15.37 -26.66
CA GLN A 435 -3.39 16.20 -25.81
C GLN A 435 -2.65 17.45 -25.40
N ILE A 436 -3.39 18.56 -25.26
CA ILE A 436 -2.84 19.84 -24.84
C ILE A 436 -3.44 20.18 -23.49
N LEU A 437 -2.59 20.35 -22.49
CA LEU A 437 -3.00 20.75 -21.15
C LEU A 437 -2.79 22.24 -20.96
N GLU A 438 -3.62 22.84 -20.11
CA GLU A 438 -3.59 24.28 -19.86
C GLU A 438 -3.21 24.50 -18.40
N THR A 439 -2.06 25.13 -18.18
CA THR A 439 -1.63 25.45 -16.83
C THR A 439 -2.38 26.66 -16.30
N ILE A 440 -2.35 26.84 -14.97
CA ILE A 440 -2.93 28.03 -14.36
C ILE A 440 -2.18 29.29 -14.73
N GLY A 441 -0.97 29.17 -15.27
CA GLY A 441 -0.20 30.28 -15.78
C GLY A 441 -0.45 30.59 -17.24
N GLY A 442 -1.49 30.02 -17.83
CA GLY A 442 -1.85 30.34 -19.20
C GLY A 442 -0.98 29.71 -20.27
N LYS A 443 -0.20 28.69 -19.92
CA LYS A 443 0.69 28.02 -20.85
C LYS A 443 0.11 26.68 -21.27
N GLN A 444 0.62 26.16 -22.39
CA GLN A 444 0.17 24.91 -22.97
C GLN A 444 1.24 23.84 -22.84
N LEU A 445 0.83 22.63 -22.49
CA LEU A 445 1.72 21.50 -22.31
C LEU A 445 1.33 20.38 -23.26
N ARG A 446 2.29 19.88 -24.01
CA ARG A 446 2.06 18.78 -24.94
C ARG A 446 2.21 17.45 -24.21
N VAL A 447 1.25 16.55 -24.43
CA VAL A 447 1.30 15.21 -23.90
C VAL A 447 1.80 14.27 -24.99
N PHE A 448 2.89 13.54 -24.70
CA PHE A 448 3.42 12.54 -25.60
C PHE A 448 3.25 11.18 -24.93
N VAL A 449 2.46 10.30 -25.56
CA VAL A 449 2.20 8.96 -25.05
C VAL A 449 2.99 7.97 -25.89
N TYR A 450 3.89 7.24 -25.24
CA TYR A 450 4.65 6.17 -25.86
C TYR A 450 4.16 4.84 -25.31
N ARG A 451 4.75 3.74 -25.80
CA ARG A 451 4.30 2.42 -25.41
C ARG A 451 4.52 2.18 -23.91
N THR A 452 5.66 2.63 -23.38
CA THR A 452 6.03 2.37 -22.00
C THR A 452 6.28 3.63 -21.19
N ALA A 453 5.91 4.80 -21.71
CA ALA A 453 6.17 6.04 -20.99
C ALA A 453 5.18 7.11 -21.42
N VAL A 454 4.87 8.00 -20.49
CA VAL A 454 4.08 9.20 -20.76
C VAL A 454 4.94 10.39 -20.36
N CYS A 455 5.24 11.25 -21.33
CA CYS A 455 6.09 12.42 -21.11
C CYS A 455 5.28 13.67 -21.41
N ILE A 456 5.33 14.65 -20.50
CA ILE A 456 4.67 15.93 -20.69
C ILE A 456 5.74 16.97 -20.98
N GLU A 457 5.68 17.55 -22.18
CA GLU A 457 6.70 18.48 -22.66
C GLU A 457 8.08 17.83 -22.63
N ASN A 458 8.92 18.24 -21.69
CA ASN A 458 10.29 17.74 -21.59
C ASN A 458 10.46 16.73 -20.46
N SER A 459 9.44 16.51 -19.64
CA SER A 459 9.54 15.66 -18.47
C SER A 459 8.64 14.43 -18.63
N CYS A 460 9.15 13.28 -18.23
CA CYS A 460 8.43 12.02 -18.33
C CYS A 460 7.95 11.57 -16.96
N MET A 461 6.80 10.90 -16.94
CA MET A 461 6.15 10.53 -15.70
C MET A 461 6.84 9.35 -15.03
N GLU A 462 6.72 9.31 -13.71
CA GLU A 462 7.08 8.15 -12.90
C GLU A 462 5.82 7.50 -12.37
N LYS A 463 5.99 6.39 -11.65
CA LYS A 463 4.86 5.75 -11.00
C LYS A 463 4.50 6.51 -9.72
N GLY A 464 3.25 6.33 -9.29
CA GLY A 464 2.80 6.94 -8.05
C GLY A 464 1.67 7.93 -8.21
N SER A 465 0.98 7.91 -9.35
CA SER A 465 -0.16 8.80 -9.55
C SER A 465 -1.26 8.48 -8.55
N LYS A 466 -1.87 9.52 -8.01
CA LYS A 466 -2.95 9.38 -7.04
C LYS A 466 -4.11 10.27 -7.42
N GLN A 467 -5.32 9.87 -7.02
CA GLN A 467 -6.53 10.65 -7.21
C GLN A 467 -7.15 10.98 -5.87
N GLY A 468 -7.64 12.20 -5.72
CA GLY A 468 -8.20 12.64 -4.47
C GLY A 468 -9.61 13.17 -4.57
N ARG A 469 -10.04 13.89 -3.53
CA ARG A 469 -11.39 14.44 -3.51
C ARG A 469 -11.60 15.42 -4.67
N ASN A 470 -10.62 16.29 -4.93
CA ASN A 470 -10.80 17.39 -5.87
C ASN A 470 -9.63 17.53 -6.83
N GLY A 471 -8.97 16.43 -7.18
CA GLY A 471 -7.91 16.53 -8.16
C GLY A 471 -7.08 15.26 -8.19
N ALA A 472 -6.01 15.33 -8.99
CA ALA A 472 -5.08 14.23 -9.14
C ALA A 472 -3.65 14.77 -9.08
N ILE A 473 -2.70 13.87 -8.82
CA ILE A 473 -1.30 14.22 -8.76
C ILE A 473 -0.50 13.19 -9.55
N HIS A 474 0.48 13.65 -10.31
CA HIS A 474 1.38 12.79 -11.06
C HIS A 474 2.81 13.20 -10.75
N ILE A 475 3.70 12.21 -10.71
CA ILE A 475 5.09 12.40 -10.29
C ILE A 475 5.97 12.44 -11.52
N PHE A 476 6.91 13.39 -11.54
CA PHE A 476 7.77 13.59 -12.70
C PHE A 476 9.23 13.58 -12.29
N ARG A 477 10.08 13.14 -13.21
CA ARG A 477 11.51 13.02 -12.93
C ARG A 477 12.21 14.36 -13.01
N GLU A 478 11.76 15.24 -13.91
CA GLU A 478 12.37 16.55 -14.13
C GLU A 478 11.32 17.65 -14.00
N ILE A 479 11.80 18.88 -13.84
CA ILE A 479 10.93 20.03 -13.85
C ILE A 479 10.41 20.24 -15.26
N ILE A 480 9.10 20.46 -15.39
CA ILE A 480 8.49 20.72 -16.69
C ILE A 480 8.79 22.15 -17.11
N LYS A 481 9.46 22.30 -18.26
CA LYS A 481 9.77 23.61 -18.83
C LYS A 481 9.20 23.66 -20.24
N PRO A 482 8.04 24.28 -20.43
CA PRO A 482 7.46 24.34 -21.78
C PRO A 482 8.38 25.09 -22.75
N ALA A 483 8.53 24.52 -23.94
CA ALA A 483 9.42 25.11 -24.94
C ALA A 483 8.90 26.46 -25.38
N GLU A 484 9.82 27.36 -25.73
CA GLU A 484 9.50 28.71 -26.12
C GLU A 484 9.90 29.06 -27.55
N LYS A 485 10.86 28.36 -28.13
CA LYS A 485 11.30 28.61 -29.50
C LYS A 485 10.82 27.49 -30.42
N SER A 486 10.56 27.85 -31.68
CA SER A 486 10.19 26.87 -32.68
C SER A 486 11.44 26.21 -33.27
N LEU A 487 11.22 25.25 -34.17
CA LEU A 487 12.35 24.62 -34.85
C LEU A 487 13.20 25.65 -35.58
N HIS A 488 12.55 26.57 -36.29
CA HIS A 488 13.28 27.57 -37.07
C HIS A 488 14.10 28.48 -36.17
N GLU A 489 13.50 28.97 -35.08
CA GLU A 489 14.21 29.85 -34.17
C GLU A 489 15.40 29.14 -33.55
N LYS A 490 15.23 27.89 -33.13
CA LYS A 490 16.35 27.10 -32.61
C LYS A 490 17.42 26.91 -33.67
N LEU A 491 17.04 26.82 -34.94
CA LEU A 491 18.02 26.58 -35.99
C LEU A 491 18.83 27.84 -36.29
N LYS A 492 18.17 29.01 -36.37
CA LYS A 492 18.88 30.23 -36.73
C LYS A 492 19.59 30.88 -35.55
N GLN A 493 19.22 30.54 -34.32
CA GLN A 493 19.89 31.12 -33.16
C GLN A 493 21.26 30.49 -32.91
N ASP A 494 21.53 29.33 -33.50
CA ASP A 494 22.82 28.67 -33.37
C ASP A 494 23.53 28.67 -34.71
N LYS A 495 24.84 28.93 -34.68
CA LYS A 495 25.61 29.08 -35.91
C LYS A 495 26.00 27.73 -36.50
N ARG A 496 26.26 26.73 -35.65
CA ARG A 496 26.71 25.43 -36.12
C ARG A 496 25.70 24.74 -37.03
N PHE A 497 24.49 25.26 -37.15
CA PHE A 497 23.46 24.67 -37.99
C PHE A 497 23.26 25.41 -39.30
N SER A 498 23.94 26.55 -39.48
CA SER A 498 23.75 27.47 -40.60
C SER A 498 23.50 26.76 -41.92
N THR A 499 24.51 26.07 -42.44
CA THR A 499 24.39 25.38 -43.72
C THR A 499 23.10 24.56 -43.79
N PHE A 500 22.90 23.69 -42.80
CA PHE A 500 21.71 22.84 -42.80
C PHE A 500 20.44 23.67 -42.90
N LEU A 501 20.35 24.75 -42.11
CA LEU A 501 19.19 25.62 -42.16
C LEU A 501 18.94 26.09 -43.58
N SER A 502 19.99 26.54 -44.27
CA SER A 502 19.86 26.98 -45.65
C SER A 502 19.22 25.88 -46.49
N LEU A 503 19.72 24.65 -46.37
CA LEU A 503 19.15 23.54 -47.12
C LEU A 503 17.67 23.37 -46.78
N LEU A 504 17.32 23.48 -45.50
CA LEU A 504 15.92 23.37 -45.11
C LEU A 504 15.08 24.47 -45.75
N GLU A 505 15.65 25.67 -45.90
CA GLU A 505 14.93 26.73 -46.58
C GLU A 505 14.96 26.53 -48.09
N ALA A 506 15.95 25.80 -48.60
CA ALA A 506 15.98 25.50 -50.03
C ALA A 506 14.91 24.49 -50.40
N ALA A 507 14.54 23.61 -49.47
CA ALA A 507 13.49 22.62 -49.69
C ALA A 507 12.11 23.17 -49.35
N ASP A 508 11.98 24.48 -49.15
CA ASP A 508 10.71 25.12 -48.83
C ASP A 508 10.10 24.54 -47.55
N LEU A 509 10.94 24.38 -46.53
CA LEU A 509 10.52 23.84 -45.25
C LEU A 509 10.47 24.89 -44.14
N LYS A 510 10.76 26.15 -44.45
CA LYS A 510 10.70 27.20 -43.44
C LYS A 510 9.29 27.32 -42.86
N GLU A 511 8.27 27.26 -43.73
CA GLU A 511 6.90 27.33 -43.25
C GLU A 511 6.55 26.16 -42.33
N LEU A 512 7.20 25.01 -42.55
CA LEU A 512 7.01 23.89 -41.65
C LEU A 512 7.74 24.12 -40.33
N LEU A 513 8.97 24.63 -40.38
CA LEU A 513 9.75 24.89 -39.19
C LEU A 513 9.25 26.08 -38.40
N THR A 514 8.29 26.84 -38.93
CA THR A 514 7.72 28.01 -38.27
C THR A 514 6.33 27.76 -37.70
N GLN A 515 5.47 27.10 -38.46
CA GLN A 515 4.11 26.84 -38.00
C GLN A 515 4.10 25.76 -36.92
N PRO A 516 3.04 25.71 -36.12
CA PRO A 516 2.93 24.63 -35.12
C PRO A 516 2.78 23.27 -35.77
N GLY A 517 3.20 22.25 -35.02
CA GLY A 517 3.14 20.89 -35.52
C GLY A 517 3.86 19.94 -34.58
N ASP A 518 4.14 18.75 -35.09
CA ASP A 518 4.85 17.72 -34.33
C ASP A 518 5.88 17.08 -35.25
N TRP A 519 7.16 17.28 -34.95
CA TRP A 519 8.22 16.78 -35.80
C TRP A 519 9.39 16.30 -34.96
N THR A 520 10.27 15.53 -35.60
CA THR A 520 11.51 15.04 -35.02
C THR A 520 12.60 15.30 -36.06
N LEU A 521 13.50 16.23 -35.76
CA LEU A 521 14.48 16.70 -36.73
C LEU A 521 15.89 16.39 -36.23
N PHE A 522 16.67 15.71 -37.07
CA PHE A 522 18.07 15.45 -36.80
C PHE A 522 18.89 16.50 -37.54
N VAL A 523 19.58 17.36 -36.79
CA VAL A 523 20.27 18.51 -37.34
C VAL A 523 21.76 18.19 -37.39
N PRO A 524 22.34 17.96 -38.57
CA PRO A 524 23.80 17.79 -38.66
C PRO A 524 24.50 19.13 -38.58
N THR A 525 25.52 19.21 -37.72
CA THR A 525 26.24 20.45 -37.53
C THR A 525 27.03 20.81 -38.79
N ASN A 526 27.54 22.05 -38.82
CA ASN A 526 28.38 22.49 -39.92
C ASN A 526 29.68 21.70 -40.01
N ASP A 527 30.04 20.95 -38.98
CA ASP A 527 31.21 20.09 -39.05
C ASP A 527 31.00 18.94 -40.03
N ALA A 528 29.77 18.42 -40.11
CA ALA A 528 29.47 17.35 -41.05
C ALA A 528 29.62 17.84 -42.49
N PHE A 529 29.16 19.06 -42.78
CA PHE A 529 29.32 19.63 -44.10
C PHE A 529 30.74 20.11 -44.36
N LYS A 530 31.50 20.41 -43.30
CA LYS A 530 32.93 20.66 -43.46
C LYS A 530 33.72 19.38 -43.67
N GLY A 531 33.10 18.21 -43.46
CA GLY A 531 33.65 16.97 -43.99
C GLY A 531 33.44 16.79 -45.47
N MET A 532 32.48 17.55 -46.04
CA MET A 532 32.27 17.58 -47.48
C MET A 532 33.13 18.63 -48.17
N THR A 533 33.52 19.69 -47.44
CA THR A 533 34.46 20.70 -47.91
C THR A 533 33.96 21.41 -49.16
N SER A 534 32.72 21.91 -49.09
CA SER A 534 32.16 22.84 -50.06
C SER A 534 31.94 22.25 -51.45
N GLU A 535 32.93 21.51 -51.98
CA GLU A 535 32.81 21.02 -53.36
C GLU A 535 31.63 20.07 -53.51
N GLU A 536 31.45 19.15 -52.55
CA GLU A 536 30.31 18.25 -52.61
C GLU A 536 28.99 19.00 -52.41
N LYS A 537 29.03 20.22 -51.86
CA LYS A 537 27.84 21.06 -51.81
C LYS A 537 27.52 21.65 -53.17
N GLU A 538 28.51 21.81 -54.05
CA GLU A 538 28.23 22.19 -55.43
C GLU A 538 27.78 20.99 -56.25
N ILE A 539 28.40 19.83 -56.03
CA ILE A 539 27.95 18.61 -56.70
C ILE A 539 26.51 18.31 -56.33
N LEU A 540 26.16 18.50 -55.05
CA LEU A 540 24.78 18.36 -54.61
C LEU A 540 23.92 19.54 -55.03
N ILE A 541 24.52 20.71 -55.26
CA ILE A 541 23.75 21.88 -55.69
C ILE A 541 23.17 21.66 -57.08
N ARG A 542 23.86 20.90 -57.93
CA ARG A 542 23.32 20.60 -59.26
C ARG A 542 22.08 19.72 -59.16
N ASP A 543 21.96 18.93 -58.10
CA ASP A 543 20.80 18.08 -57.88
C ASP A 543 19.71 18.88 -57.17
N LYS A 544 18.64 19.20 -57.89
CA LYS A 544 17.47 19.84 -57.31
C LYS A 544 16.44 18.84 -56.84
N ASN A 545 16.76 17.55 -56.88
CA ASN A 545 15.84 16.49 -56.45
C ASN A 545 16.44 15.59 -55.38
N ALA A 546 17.74 15.30 -55.44
CA ALA A 546 18.36 14.48 -54.41
C ALA A 546 18.39 15.20 -53.07
N LEU A 547 18.43 16.53 -53.07
CA LEU A 547 18.38 17.28 -51.82
C LEU A 547 17.06 17.07 -51.10
N GLN A 548 15.98 16.81 -51.86
CA GLN A 548 14.69 16.53 -51.22
C GLN A 548 14.76 15.24 -50.42
N ASN A 549 15.39 14.20 -50.98
CA ASN A 549 15.50 12.93 -50.26
C ASN A 549 16.48 13.06 -49.10
N ILE A 550 17.69 13.56 -49.36
CA ILE A 550 18.72 13.63 -48.32
C ILE A 550 18.25 14.51 -47.17
N ILE A 551 17.57 15.61 -47.48
CA ILE A 551 17.11 16.52 -46.44
C ILE A 551 15.89 15.95 -45.73
N LEU A 552 14.89 15.49 -46.49
CA LEU A 552 13.67 14.99 -45.88
C LEU A 552 13.89 13.73 -45.06
N TYR A 553 14.99 13.00 -45.29
CA TYR A 553 15.27 11.84 -44.45
C TYR A 553 15.55 12.24 -43.01
N HIS A 554 16.02 13.47 -42.78
CA HIS A 554 16.33 13.93 -41.43
C HIS A 554 15.11 14.39 -40.65
N LEU A 555 13.93 14.39 -41.27
CA LEU A 555 12.69 14.82 -40.62
C LEU A 555 11.73 13.65 -40.48
N THR A 556 11.04 13.59 -39.35
CA THR A 556 10.11 12.50 -39.08
C THR A 556 8.84 13.07 -38.44
N PRO A 557 7.66 12.67 -38.93
CA PRO A 557 6.42 13.16 -38.30
C PRO A 557 6.26 12.60 -36.90
N GLY A 558 5.90 13.47 -35.96
CA GLY A 558 5.77 13.09 -34.57
C GLY A 558 7.00 13.46 -33.76
N VAL A 559 6.79 13.60 -32.45
CA VAL A 559 7.84 13.98 -31.52
C VAL A 559 8.30 12.73 -30.77
N PHE A 560 9.57 12.37 -30.94
CA PHE A 560 10.14 11.17 -30.32
C PHE A 560 11.37 11.61 -29.52
N ILE A 561 11.21 11.68 -28.20
CA ILE A 561 12.30 12.06 -27.31
C ILE A 561 12.95 10.79 -26.77
N GLY A 562 14.27 10.86 -26.55
CA GLY A 562 15.02 9.67 -26.21
C GLY A 562 14.65 9.11 -24.85
N LYS A 563 14.34 9.98 -23.89
CA LYS A 563 13.95 9.50 -22.57
C LYS A 563 12.56 8.91 -22.53
N GLY A 564 11.86 8.84 -23.66
CA GLY A 564 10.56 8.20 -23.70
C GLY A 564 10.63 6.77 -24.21
N PHE A 565 11.78 6.40 -24.77
CA PHE A 565 11.98 5.06 -25.28
C PHE A 565 12.19 4.07 -24.12
N GLU A 566 11.91 2.81 -24.41
CA GLU A 566 12.35 1.75 -23.50
C GLU A 566 13.80 1.40 -23.81
N PRO A 567 14.66 1.30 -22.80
CA PRO A 567 16.10 1.20 -23.07
C PRO A 567 16.47 -0.07 -23.82
N GLY A 568 17.39 0.07 -24.76
CA GLY A 568 17.93 -1.03 -25.52
C GLY A 568 17.14 -1.39 -26.77
N VAL A 569 15.85 -1.10 -26.79
CA VAL A 569 15.00 -1.48 -27.91
C VAL A 569 15.19 -0.49 -29.05
N THR A 570 15.28 -1.01 -30.27
CA THR A 570 15.44 -0.19 -31.46
C THR A 570 14.07 0.22 -31.99
N ASN A 571 13.81 1.53 -32.02
CA ASN A 571 12.56 2.06 -32.52
C ASN A 571 12.68 2.28 -34.03
N ILE A 572 11.80 1.63 -34.79
CA ILE A 572 11.76 1.77 -36.24
C ILE A 572 10.73 2.85 -36.57
N LEU A 573 11.20 3.98 -37.09
CA LEU A 573 10.34 5.09 -37.44
C LEU A 573 10.39 5.32 -38.95
N LYS A 574 9.27 5.80 -39.49
CA LYS A 574 9.17 6.11 -40.92
C LYS A 574 9.34 7.62 -41.09
N THR A 575 10.47 8.03 -41.64
CA THR A 575 10.72 9.45 -41.87
C THR A 575 9.75 9.99 -42.93
N THR A 576 9.67 11.32 -43.00
CA THR A 576 8.82 11.94 -44.01
C THR A 576 9.34 11.71 -45.41
N GLN A 577 10.59 11.28 -45.55
CA GLN A 577 11.12 10.94 -46.88
C GLN A 577 10.57 9.60 -47.36
N GLY A 578 10.30 8.67 -46.45
CA GLY A 578 9.76 7.38 -46.82
C GLY A 578 10.50 6.21 -46.21
N SER A 579 11.83 6.25 -46.29
CA SER A 579 12.64 5.17 -45.77
C SER A 579 12.67 5.21 -44.24
N LYS A 580 13.13 4.10 -43.65
CA LYS A 580 13.10 3.93 -42.21
C LYS A 580 14.35 4.50 -41.56
N ILE A 581 14.19 4.92 -40.30
CA ILE A 581 15.29 5.34 -39.45
C ILE A 581 15.14 4.64 -38.11
N PHE A 582 16.25 4.38 -37.45
CA PHE A 582 16.29 3.54 -36.26
C PHE A 582 16.86 4.33 -35.10
N LEU A 583 16.08 4.44 -34.01
CA LEU A 583 16.48 5.22 -32.84
C LEU A 583 16.54 4.30 -31.62
N LYS A 584 17.70 4.27 -30.97
CA LYS A 584 17.89 3.41 -29.79
C LYS A 584 18.48 4.25 -28.66
N GLU A 585 17.86 4.18 -27.49
CA GLU A 585 18.32 4.89 -26.30
C GLU A 585 19.09 3.92 -25.41
N VAL A 586 20.38 4.14 -25.25
CA VAL A 586 21.23 3.29 -24.44
C VAL A 586 22.12 4.17 -23.56
N ASN A 587 22.12 3.88 -22.25
CA ASN A 587 22.94 4.61 -21.28
C ASN A 587 22.66 6.11 -21.35
N ASP A 588 21.37 6.46 -21.41
CA ASP A 588 20.91 7.85 -21.50
C ASP A 588 21.46 8.58 -22.72
N THR A 589 21.93 7.84 -23.72
CA THR A 589 22.45 8.41 -24.95
C THR A 589 21.60 7.95 -26.12
N LEU A 590 21.27 8.88 -27.01
CA LEU A 590 20.43 8.59 -28.16
C LEU A 590 21.30 8.25 -29.36
N LEU A 591 21.16 7.03 -29.86
CA LEU A 591 21.83 6.57 -31.08
C LEU A 591 20.82 6.57 -32.22
N VAL A 592 21.22 7.13 -33.35
CA VAL A 592 20.41 7.17 -34.55
C VAL A 592 21.17 6.44 -35.65
N ASN A 593 20.61 5.33 -36.12
CA ASN A 593 21.29 4.44 -37.07
C ASN A 593 22.65 4.02 -36.53
N GLU A 594 22.68 3.66 -35.24
CA GLU A 594 23.89 3.21 -34.55
C GLU A 594 24.98 4.29 -34.58
N LEU A 595 24.56 5.55 -34.49
CA LEU A 595 25.47 6.69 -34.43
C LEU A 595 25.11 7.53 -33.21
N LYS A 596 26.06 7.66 -32.28
CA LYS A 596 25.82 8.42 -31.06
C LYS A 596 25.63 9.89 -31.39
N SER A 597 24.49 10.45 -31.00
CA SER A 597 24.23 11.87 -31.20
C SER A 597 24.89 12.69 -30.10
N LYS A 598 25.31 13.90 -30.46
CA LYS A 598 25.93 14.80 -29.49
C LYS A 598 24.88 15.31 -28.50
N GLU A 599 23.99 16.17 -28.97
CA GLU A 599 22.87 16.64 -28.17
C GLU A 599 21.59 15.93 -28.60
N SER A 600 20.74 15.60 -27.63
CA SER A 600 19.47 14.97 -27.90
C SER A 600 18.39 15.61 -27.04
N ASP A 601 17.14 15.49 -27.52
CA ASP A 601 15.96 15.97 -26.80
C ASP A 601 15.98 17.48 -26.61
N ILE A 602 16.30 18.21 -27.68
CA ILE A 602 16.24 19.66 -27.69
C ILE A 602 14.82 20.06 -28.05
N MET A 603 14.04 20.44 -27.05
CA MET A 603 12.61 20.66 -27.24
C MET A 603 12.33 22.01 -27.90
N THR A 604 11.41 21.99 -28.86
CA THR A 604 10.90 23.20 -29.50
C THR A 604 9.37 23.18 -29.41
N THR A 605 8.75 24.29 -29.81
CA THR A 605 7.31 24.41 -29.70
C THR A 605 6.57 23.52 -30.69
N ASN A 606 7.23 23.08 -31.77
CA ASN A 606 6.57 22.28 -32.79
C ASN A 606 7.37 21.03 -33.15
N GLY A 607 8.29 20.60 -32.28
CA GLY A 607 9.05 19.41 -32.56
C GLY A 607 10.19 19.26 -31.57
N VAL A 608 11.07 18.32 -31.88
CA VAL A 608 12.26 18.05 -31.08
C VAL A 608 13.45 17.94 -32.02
N ILE A 609 14.64 18.25 -31.48
CA ILE A 609 15.87 18.30 -32.26
C ILE A 609 16.88 17.36 -31.61
N HIS A 610 17.52 16.54 -32.43
CA HIS A 610 18.64 15.70 -32.03
C HIS A 610 19.84 16.06 -32.89
N VAL A 611 20.92 16.51 -32.25
CA VAL A 611 22.09 16.99 -32.97
C VAL A 611 23.00 15.80 -33.27
N VAL A 612 23.29 15.58 -34.55
CA VAL A 612 24.12 14.47 -34.99
C VAL A 612 25.47 15.01 -35.46
N ASP A 613 26.47 14.12 -35.44
CA ASP A 613 27.82 14.51 -35.82
C ASP A 613 28.00 14.54 -37.33
N LYS A 614 27.54 13.51 -38.02
CA LYS A 614 27.67 13.39 -39.47
C LYS A 614 26.29 13.31 -40.11
N LEU A 615 26.28 13.32 -41.44
CA LEU A 615 25.03 13.24 -42.18
C LEU A 615 24.40 11.86 -42.05
N LEU A 616 23.09 11.82 -42.29
CA LEU A 616 22.32 10.59 -42.20
C LEU A 616 21.80 10.20 -43.58
N TYR A 617 22.01 8.94 -43.95
CA TYR A 617 21.54 8.41 -45.22
C TYR A 617 20.66 7.19 -44.97
N PRO A 618 19.65 6.96 -45.82
CA PRO A 618 18.76 5.81 -45.58
C PRO A 618 19.47 4.47 -45.64
N ALA A 619 20.32 4.26 -46.64
CA ALA A 619 21.08 3.02 -46.80
C ALA A 619 20.17 1.79 -46.84
NA NA B . 8.74 4.88 -27.84
N CYS C . 14.69 -29.78 14.48
CA CYS C . 15.22 -29.70 15.84
C CYS C . 16.36 -30.69 16.04
O CYS C . 17.47 -30.48 15.55
CB CYS C . 14.13 -29.96 16.88
SG CYS C . 12.70 -28.88 16.79
CL CL D . 6.68 -8.86 6.99
CL CL E . 1.92 32.95 0.90
CL CL F . 13.61 1.28 -45.86
CL CL G . 11.35 -32.95 29.37
CL CL H . -7.58 -32.92 44.65
CL CL I . 2.11 -28.25 15.11
CL CL J . -11.36 -38.42 22.86
CL CL K . 0.78 -20.80 14.71
CL CL L . 0.44 -13.19 8.56
CL CL M . 17.62 28.50 -25.64
CL CL N . 2.07 4.21 -21.07
CL CL O . -2.30 -24.72 17.08
CL CL P . 0.61 23.58 -29.18
CL CL Q . 14.08 -14.62 9.98
CL CL R . 6.98 35.31 -4.63
CL CL S . -21.44 -32.27 14.36
CA CA T . -27.39 7.77 2.85
CA CA U . 5.42 8.38 0.61
CA CA V . -6.54 -35.47 37.99
CA CA W . -5.01 -27.50 12.25
CA CA X . 4.77 10.71 -30.44
CA CA Y . 1.80 -24.18 26.79
MG MG Z . -5.20 -22.16 33.59
MG MG AA . -14.16 8.88 17.86
MG MG BA . 9.23 17.51 -4.81
MG MG CA . 24.31 22.78 -41.18
MG MG DA . -6.60 -11.96 18.78
MG MG EA . 3.73 6.28 -16.88
MG MG FA . 18.03 11.15 -25.34
MG MG GA . -12.47 -15.90 16.72
ZN ZN HA . 6.79 7.05 -37.83
#